data_4I5M
#
_entry.id   4I5M
#
_cell.length_a   104.329
_cell.length_b   60.217
_cell.length_c   53.213
_cell.angle_alpha   90.00
_cell.angle_beta   107.40
_cell.angle_gamma   90.00
#
_symmetry.space_group_name_H-M   'C 1 2 1'
#
loop_
_entity.id
_entity.type
_entity.pdbx_description
1 polymer 'Serine/threonine-protein kinase PLK2'
2 non-polymer 4-{[(7R)-8-cyclopentyl-7-ethyl-5-methyl-6-oxo-5,6,7,8-tetrahydropteridin-2-yl]amino}-3-methoxy-N-(1-methylpiperidin-4-yl)benzamide
3 water water
#
_entity_poly.entity_id   1
_entity_poly.type   'polypeptide(L)'
_entity_poly.pdbx_seq_one_letter_code
;MMHHHHHHHHSHSGPEISRIIVDPTTGKRYSRGKTLGKGGFAKCYEMTDLTNNKVYAAKIIPHSRVSKPHQREKIDKEIE
LHRILHHKHVVQFYHYFEDKENIYILLEYCSRRSMAHILKARKVLTEPEVRYYLRQIVSGLKYLHEQEILHRDLKLGNFF
INESMELKVGDFGLAARLEPLEHRRRTICGTPNYLSPEVLNKQGHGAESDIWALGCVMYTMLLGRPPFETTNLKETYRSI
REARYTMPSSLLAPAKHLIASMLSKNPEDRPSLDDIIRHDFFTQGFTPDRLSSSCCHTVPDFHLSSPA
;
_entity_poly.pdbx_strand_id   A
#
# COMPACT_ATOMS: atom_id res chain seq x y z
N ARG A 19 29.22 -3.05 8.83
CA ARG A 19 29.37 -2.51 7.43
C ARG A 19 28.93 -1.04 7.36
N ILE A 20 29.91 -0.17 7.18
CA ILE A 20 29.65 1.27 7.05
C ILE A 20 29.61 1.66 5.57
N ILE A 21 28.56 2.39 5.22
CA ILE A 21 28.32 2.82 3.86
C ILE A 21 28.48 4.33 3.80
N VAL A 22 29.43 4.77 2.97
CA VAL A 22 29.67 6.19 2.76
C VAL A 22 28.99 6.64 1.47
N ASP A 23 28.32 7.79 1.55
CA ASP A 23 27.74 8.44 0.39
C ASP A 23 28.82 9.25 -0.32
N PRO A 24 29.21 8.83 -1.54
CA PRO A 24 30.34 9.43 -2.27
C PRO A 24 30.13 10.87 -2.75
N THR A 25 28.89 11.33 -2.72
CA THR A 25 28.56 12.67 -3.18
C THR A 25 28.66 13.74 -2.14
N THR A 26 28.30 13.37 -0.94
CA THR A 26 27.94 14.29 0.11
C THR A 26 28.68 14.11 1.39
N GLY A 27 29.83 13.56 1.48
CA GLY A 27 30.24 13.37 2.82
C GLY A 27 30.30 11.88 2.95
N LYS A 28 29.93 11.26 4.07
CA LYS A 28 28.59 11.02 4.62
C LYS A 28 28.13 9.58 4.91
N ARG A 29 28.01 9.27 6.18
CA ARG A 29 28.09 7.90 6.72
C ARG A 29 26.80 7.24 7.23
N TYR A 30 26.61 5.99 6.80
CA TYR A 30 25.49 5.16 7.21
C TYR A 30 26.00 3.82 7.71
N SER A 31 25.24 3.20 8.61
CA SER A 31 25.56 1.87 9.13
C SER A 31 24.40 0.92 8.85
N ARG A 32 24.66 -0.15 8.08
CA ARG A 32 23.59 -1.09 7.76
C ARG A 32 23.46 -2.20 8.81
N GLY A 33 22.23 -2.41 9.26
CA GLY A 33 21.93 -3.39 10.29
C GLY A 33 21.35 -4.67 9.73
N LYS A 34 20.29 -5.15 10.36
CA LYS A 34 19.67 -6.43 10.06
C LYS A 34 19.01 -6.46 8.67
N THR A 35 19.06 -7.60 8.01
CA THR A 35 18.28 -7.87 6.83
C THR A 35 16.78 -7.90 7.11
N LEU A 36 15.99 -7.16 6.32
CA LEU A 36 14.55 -7.06 6.48
C LEU A 36 13.81 -8.04 5.56
N GLY A 37 14.41 -8.32 4.41
CA GLY A 37 13.86 -9.26 3.46
C GLY A 37 14.15 -8.85 2.02
N LYS A 38 13.32 -9.32 1.11
CA LYS A 38 13.46 -9.03 -0.31
C LYS A 38 12.27 -8.20 -0.79
N GLY A 39 12.49 -7.42 -1.86
CA GLY A 39 11.47 -6.54 -2.42
C GLY A 39 10.24 -7.25 -2.95
N GLY A 40 10.32 -7.82 -4.15
CA GLY A 40 11.54 -7.80 -4.96
C GLY A 40 11.63 -6.62 -5.91
N PHE A 41 12.65 -6.61 -6.77
CA PHE A 41 13.68 -7.65 -6.82
C PHE A 41 14.90 -7.27 -5.98
N ALA A 42 14.74 -6.25 -5.14
CA ALA A 42 15.83 -5.68 -4.36
C ALA A 42 16.04 -6.38 -3.01
N LYS A 43 17.24 -6.21 -2.47
CA LYS A 43 17.58 -6.69 -1.12
C LYS A 43 17.38 -5.54 -0.13
N CYS A 44 16.66 -5.83 0.96
CA CYS A 44 16.32 -4.80 1.94
C CYS A 44 17.06 -4.96 3.27
N TYR A 45 17.46 -3.83 3.83
CA TYR A 45 18.25 -3.78 5.06
C TYR A 45 17.84 -2.62 5.96
N GLU A 46 18.10 -2.75 7.26
CA GLU A 46 18.06 -1.61 8.17
C GLU A 46 19.26 -0.71 7.87
N MET A 47 19.03 0.60 7.85
CA MET A 47 20.11 1.56 7.67
C MET A 47 20.03 2.75 8.59
N THR A 48 21.03 2.88 9.47
CA THR A 48 21.11 3.98 10.42
C THR A 48 21.92 5.13 9.82
N ASP A 49 21.26 6.27 9.65
CA ASP A 49 21.95 7.52 9.34
C ASP A 49 22.68 7.94 10.61
N LEU A 50 23.99 8.10 10.49
CA LEU A 50 24.85 8.37 11.64
C LEU A 50 24.86 9.85 12.07
N THR A 51 24.11 10.68 11.34
CA THR A 51 24.20 12.15 11.45
C THR A 51 23.65 12.14 12.91
N ASN A 52 22.58 12.85 13.30
CA ASN A 52 21.30 12.19 12.92
C ASN A 52 20.76 11.02 13.73
N ASN A 53 21.53 9.93 13.76
CA ASN A 53 21.24 8.77 14.59
C ASN A 53 19.83 8.16 14.62
N LYS A 54 19.44 7.59 13.50
CA LYS A 54 18.13 7.09 13.33
C LYS A 54 18.00 6.03 12.28
N VAL A 55 17.24 4.97 12.56
CA VAL A 55 17.15 3.78 11.71
C VAL A 55 16.07 3.94 10.63
N TYR A 56 16.41 3.51 9.42
CA TYR A 56 15.49 3.55 8.31
C TYR A 56 15.38 2.17 7.67
N ALA A 57 14.23 1.87 7.10
CA ALA A 57 14.07 0.68 6.27
C ALA A 57 14.57 1.04 4.88
N ALA A 58 15.54 0.28 4.38
CA ALA A 58 16.23 0.67 3.16
C ALA A 58 16.26 -0.40 2.06
N LYS A 59 15.98 0.03 0.84
CA LYS A 59 16.16 -0.80 -0.35
C LYS A 59 17.59 -0.65 -0.85
N ILE A 60 18.29 -1.78 -0.98
CA ILE A 60 19.64 -1.78 -1.55
C ILE A 60 19.60 -2.50 -2.90
N ILE A 61 19.62 -1.72 -3.97
CA ILE A 61 19.44 -2.22 -5.32
C ILE A 61 20.79 -2.21 -6.06
N PRO A 62 21.47 -3.36 -6.15
CA PRO A 62 22.72 -3.42 -6.91
C PRO A 62 22.50 -3.13 -8.39
N HIS A 63 23.51 -2.51 -9.01
CA HIS A 63 23.46 -2.15 -10.43
C HIS A 63 23.39 -3.36 -11.37
N SER A 64 23.58 -4.53 -10.81
CA SER A 64 23.78 -5.81 -11.48
C SER A 64 22.49 -6.43 -11.94
N ARG A 65 21.40 -6.01 -11.35
CA ARG A 65 20.06 -6.46 -11.73
C ARG A 65 19.33 -5.42 -12.57
N VAL A 66 19.85 -4.19 -12.55
CA VAL A 66 19.26 -3.07 -13.27
C VAL A 66 20.13 -2.72 -14.48
N SER A 67 20.33 -3.70 -15.35
CA SER A 67 21.16 -3.55 -16.55
C SER A 67 20.42 -2.88 -17.71
N LYS A 68 19.22 -3.37 -18.00
CA LYS A 68 18.41 -2.89 -19.12
C LYS A 68 17.99 -1.43 -18.91
N PRO A 69 18.08 -0.60 -19.97
CA PRO A 69 17.58 0.78 -19.93
C PRO A 69 16.05 0.80 -19.92
N HIS A 70 15.48 0.01 -19.01
CA HIS A 70 14.05 -0.20 -18.89
C HIS A 70 13.69 -0.22 -17.40
N GLN A 71 14.48 -0.92 -16.63
CA GLN A 71 14.33 -0.96 -15.21
C GLN A 71 14.93 0.26 -14.61
N ARG A 72 16.01 0.74 -15.19
CA ARG A 72 16.69 1.96 -14.74
C ARG A 72 15.72 3.14 -14.69
N GLU A 73 14.83 3.19 -15.67
CA GLU A 73 13.78 4.20 -15.74
C GLU A 73 12.73 4.01 -14.66
N LYS A 74 12.38 2.75 -14.36
CA LYS A 74 11.36 2.43 -13.36
C LYS A 74 11.81 2.72 -11.93
N ILE A 75 13.09 2.45 -11.63
CA ILE A 75 13.67 2.79 -10.33
C ILE A 75 13.74 4.32 -10.19
N ASP A 76 14.18 4.99 -11.25
CA ASP A 76 14.27 6.44 -11.31
C ASP A 76 12.92 7.13 -11.15
N LYS A 77 11.90 6.52 -11.66
CA LYS A 77 10.58 7.05 -11.53
C LYS A 77 10.05 6.99 -10.12
N GLU A 78 10.14 5.83 -9.50
CA GLU A 78 9.72 5.63 -8.12
C GLU A 78 10.33 6.66 -7.17
N ILE A 79 11.64 6.85 -7.30
CA ILE A 79 12.36 7.86 -6.54
C ILE A 79 11.79 9.26 -6.81
N GLU A 80 11.78 9.65 -8.09
CA GLU A 80 11.25 10.95 -8.54
C GLU A 80 9.89 11.29 -7.94
N LEU A 81 8.98 10.31 -7.93
CA LEU A 81 7.63 10.47 -7.41
C LEU A 81 7.56 10.45 -5.88
N HIS A 82 8.25 9.49 -5.27
CA HIS A 82 8.24 9.32 -3.80
C HIS A 82 8.87 10.49 -3.06
N ARG A 83 9.89 11.11 -3.66
CA ARG A 83 10.66 12.21 -3.06
C ARG A 83 9.83 13.35 -2.46
N ILE A 84 8.86 13.85 -3.25
CA ILE A 84 8.14 15.08 -2.90
C ILE A 84 6.88 14.80 -2.06
N LEU A 85 6.64 13.53 -1.73
CA LEU A 85 5.51 13.14 -0.90
C LEU A 85 5.81 13.36 0.58
N HIS A 86 4.94 14.09 1.25
CA HIS A 86 5.04 14.35 2.69
C HIS A 86 3.67 14.24 3.36
N HIS A 87 3.38 13.07 3.93
CA HIS A 87 2.11 12.83 4.64
C HIS A 87 2.25 11.78 5.74
N LYS A 88 1.45 11.94 6.80
CA LYS A 88 1.49 11.05 7.96
C LYS A 88 0.97 9.63 7.66
N HIS A 89 0.23 9.45 6.57
CA HIS A 89 -0.26 8.12 6.19
C HIS A 89 0.29 7.70 4.82
N VAL A 90 1.47 8.23 4.52
CA VAL A 90 2.26 7.85 3.35
C VAL A 90 3.68 7.61 3.87
N VAL A 91 4.23 6.45 3.53
CA VAL A 91 5.62 6.11 3.85
C VAL A 91 6.49 7.30 3.48
N GLN A 92 7.30 7.75 4.43
CA GLN A 92 8.14 8.90 4.22
C GLN A 92 9.46 8.53 3.54
N PHE A 93 9.69 9.13 2.38
CA PHE A 93 10.98 9.09 1.72
C PHE A 93 11.93 9.97 2.52
N TYR A 94 13.09 9.42 2.86
CA TYR A 94 14.11 10.21 3.57
C TYR A 94 15.19 10.70 2.62
N HIS A 95 15.87 9.77 1.96
CA HIS A 95 17.05 10.08 1.15
C HIS A 95 17.41 8.93 0.21
N TYR A 96 17.86 9.28 -1.00
CA TYR A 96 18.42 8.30 -1.92
C TYR A 96 19.83 8.73 -2.35
N PHE A 97 20.69 7.73 -2.55
CA PHE A 97 22.03 7.94 -3.10
C PHE A 97 22.55 6.65 -3.71
N GLU A 98 23.71 6.71 -4.37
CA GLU A 98 24.34 5.53 -4.98
C GLU A 98 25.87 5.60 -4.99
N ASP A 99 26.45 4.45 -4.85
CA ASP A 99 27.86 4.25 -4.96
C ASP A 99 28.24 3.34 -6.16
N LYS A 100 29.40 2.75 -5.99
CA LYS A 100 29.91 1.73 -6.88
C LYS A 100 29.00 0.53 -7.06
N GLU A 101 28.89 -0.32 -6.07
CA GLU A 101 27.79 -1.29 -5.98
C GLU A 101 26.25 -1.02 -6.38
N ASN A 102 25.56 -0.12 -5.70
CA ASN A 102 24.21 -0.26 -5.19
C ASN A 102 23.44 1.06 -5.24
N ILE A 103 22.13 0.98 -5.49
CA ILE A 103 21.22 2.11 -5.29
C ILE A 103 20.76 2.05 -3.84
N TYR A 104 20.71 3.21 -3.19
CA TYR A 104 20.25 3.29 -1.81
C TYR A 104 19.03 4.18 -1.69
N ILE A 105 17.91 3.59 -1.29
CA ILE A 105 16.68 4.33 -1.02
C ILE A 105 16.33 4.14 0.47
N LEU A 106 16.44 5.22 1.24
CA LEU A 106 16.17 5.18 2.68
C LEU A 106 14.72 5.59 2.95
N LEU A 107 13.97 4.68 3.57
CA LEU A 107 12.53 4.88 3.76
C LEU A 107 12.12 4.74 5.22
N GLU A 108 11.00 5.36 5.58
CA GLU A 108 10.43 5.32 6.92
C GLU A 108 10.31 3.91 7.50
N TYR A 109 10.94 3.69 8.65
CA TYR A 109 10.98 2.39 9.34
C TYR A 109 9.61 2.07 9.96
N CYS A 110 8.99 0.99 9.47
CA CYS A 110 7.73 0.51 10.02
C CYS A 110 7.92 -0.86 10.63
N SER A 111 7.99 -0.90 11.97
CA SER A 111 8.44 -2.08 12.71
C SER A 111 7.46 -3.26 12.73
N ARG A 112 6.16 -2.98 12.66
CA ARG A 112 5.13 -4.03 12.69
C ARG A 112 4.87 -4.62 11.30
N ARG A 113 5.78 -4.33 10.36
CA ARG A 113 5.74 -4.85 8.99
C ARG A 113 4.54 -4.31 8.20
N SER A 114 3.65 -5.19 7.75
CA SER A 114 2.52 -4.78 6.90
C SER A 114 1.22 -5.49 7.27
N MET A 115 0.14 -5.10 6.59
CA MET A 115 -1.18 -5.71 6.78
C MET A 115 -1.31 -7.12 6.23
N ALA A 116 -0.52 -7.45 5.21
CA ALA A 116 -0.49 -8.80 4.65
C ALA A 116 -0.02 -9.81 5.70
N HIS A 117 0.84 -9.36 6.58
CA HIS A 117 1.41 -10.13 7.66
C HIS A 117 0.38 -10.39 8.71
N ILE A 118 -0.21 -9.31 9.20
CA ILE A 118 -1.19 -9.37 10.29
C ILE A 118 -2.45 -10.15 9.92
N LEU A 119 -2.86 -10.07 8.65
CA LEU A 119 -4.05 -10.77 8.19
C LEU A 119 -3.80 -12.26 7.99
N LYS A 120 -2.55 -12.64 7.76
CA LYS A 120 -2.16 -14.05 7.70
C LYS A 120 -2.35 -14.72 9.05
N ALA A 121 -1.96 -14.01 10.12
CA ALA A 121 -2.10 -14.49 11.48
C ALA A 121 -3.54 -14.45 11.99
N ARG A 122 -4.32 -13.47 11.50
CA ARG A 122 -5.67 -13.25 11.99
C ARG A 122 -6.77 -13.85 11.12
N LYS A 123 -6.52 -13.96 9.80
CA LYS A 123 -7.49 -14.29 8.71
C LYS A 123 -8.53 -13.29 8.28
N VAL A 124 -9.21 -12.84 9.32
CA VAL A 124 -10.26 -11.92 9.27
C VAL A 124 -10.17 -10.89 10.42
N LEU A 125 -10.54 -9.67 10.14
CA LEU A 125 -10.52 -8.59 11.14
C LEU A 125 -11.93 -8.26 11.62
N THR A 126 -12.01 -7.66 12.81
CA THR A 126 -13.26 -7.15 13.34
C THR A 126 -13.59 -5.83 12.66
N GLU A 127 -14.87 -5.45 12.64
CA GLU A 127 -15.30 -4.22 11.99
C GLU A 127 -14.61 -2.93 12.51
N PRO A 128 -14.46 -2.78 13.84
CA PRO A 128 -13.77 -1.57 14.34
C PRO A 128 -12.32 -1.47 13.89
N GLU A 129 -11.66 -2.62 13.71
CA GLU A 129 -10.30 -2.69 13.20
C GLU A 129 -10.25 -2.28 11.73
N VAL A 130 -11.22 -2.75 10.96
CA VAL A 130 -11.29 -2.49 9.52
C VAL A 130 -11.39 -0.99 9.23
N ARG A 131 -12.33 -0.32 9.90
CA ARG A 131 -12.50 1.12 9.72
C ARG A 131 -11.37 1.95 10.35
N TYR A 132 -10.61 1.35 11.28
CA TYR A 132 -9.41 1.98 11.82
C TYR A 132 -8.29 2.05 10.77
N TYR A 133 -8.08 0.95 10.05
CA TYR A 133 -7.08 0.89 8.98
C TYR A 133 -7.51 1.66 7.72
N LEU A 134 -8.76 1.48 7.30
CA LEU A 134 -9.30 2.16 6.10
C LEU A 134 -9.26 3.69 6.21
N ARG A 135 -9.58 4.22 7.38
CA ARG A 135 -9.53 5.66 7.63
C ARG A 135 -8.14 6.22 7.33
N GLN A 136 -7.12 5.47 7.74
CA GLN A 136 -5.73 5.84 7.51
C GLN A 136 -5.33 5.70 6.03
N ILE A 137 -5.89 4.69 5.36
CA ILE A 137 -5.57 4.42 3.95
C ILE A 137 -6.13 5.54 3.06
N VAL A 138 -7.43 5.78 3.20
CA VAL A 138 -8.14 6.84 2.49
C VAL A 138 -7.48 8.21 2.74
N SER A 139 -7.02 8.43 3.97
CA SER A 139 -6.27 9.64 4.32
C SER A 139 -5.02 9.77 3.44
N GLY A 140 -4.21 8.71 3.38
CA GLY A 140 -3.00 8.68 2.56
C GLY A 140 -3.26 8.76 1.07
N LEU A 141 -4.27 8.02 0.61
CA LEU A 141 -4.65 7.99 -0.81
C LEU A 141 -5.22 9.34 -1.28
N LYS A 142 -5.91 10.02 -0.37
CA LYS A 142 -6.46 11.34 -0.67
C LYS A 142 -5.37 12.38 -0.96
N TYR A 143 -4.37 12.45 -0.08
CA TYR A 143 -3.17 13.29 -0.30
C TYR A 143 -2.51 12.94 -1.64
N LEU A 144 -2.40 11.64 -1.90
CA LEU A 144 -1.84 11.11 -3.14
C LEU A 144 -2.60 11.67 -4.34
N HIS A 145 -3.93 11.52 -4.30
CA HIS A 145 -4.81 11.92 -5.40
C HIS A 145 -4.94 13.44 -5.58
N GLU A 146 -4.70 14.19 -4.51
CA GLU A 146 -4.62 15.65 -4.60
C GLU A 146 -3.29 16.09 -5.23
N GLN A 147 -2.25 15.29 -5.03
CA GLN A 147 -0.94 15.53 -5.62
C GLN A 147 -0.87 15.00 -7.06
N GLU A 148 -2.03 14.65 -7.61
CA GLU A 148 -2.21 14.14 -8.97
C GLU A 148 -1.54 12.78 -9.25
N ILE A 149 -0.99 12.15 -8.21
CA ILE A 149 -0.32 10.86 -8.36
C ILE A 149 -1.31 9.72 -8.07
N LEU A 150 -1.22 8.66 -8.87
CA LEU A 150 -2.01 7.45 -8.67
C LEU A 150 -1.09 6.35 -8.16
N HIS A 151 -1.57 5.54 -7.22
CA HIS A 151 -0.76 4.47 -6.64
C HIS A 151 -0.61 3.29 -7.60
N ARG A 152 -1.74 2.79 -8.09
CA ARG A 152 -1.82 1.71 -9.08
C ARG A 152 -1.43 0.32 -8.56
N ASP A 153 -1.07 0.22 -7.29
CA ASP A 153 -0.70 -1.06 -6.69
C ASP A 153 -1.13 -1.17 -5.22
N LEU A 154 -2.38 -0.81 -4.96
CA LEU A 154 -2.91 -0.88 -3.61
C LEU A 154 -3.20 -2.33 -3.22
N LYS A 155 -2.59 -2.74 -2.10
CA LYS A 155 -2.74 -4.08 -1.56
C LYS A 155 -2.30 -4.08 -0.10
N LEU A 156 -2.71 -5.11 0.65
CA LEU A 156 -2.38 -5.21 2.08
C LEU A 156 -0.88 -5.21 2.36
N GLY A 157 -0.10 -5.83 1.46
CA GLY A 157 1.35 -5.84 1.56
C GLY A 157 2.01 -4.47 1.43
N ASN A 158 1.26 -3.50 0.92
CA ASN A 158 1.73 -2.13 0.75
C ASN A 158 1.18 -1.15 1.80
N PHE A 159 0.50 -1.68 2.82
CA PHE A 159 0.08 -0.85 3.95
C PHE A 159 0.95 -1.15 5.17
N PHE A 160 2.01 -0.36 5.31
CA PHE A 160 3.01 -0.56 6.35
C PHE A 160 2.58 -0.01 7.70
N ILE A 161 2.92 -0.73 8.77
CA ILE A 161 2.49 -0.42 10.13
C ILE A 161 3.69 -0.19 11.05
N ASN A 162 3.75 0.97 11.70
CA ASN A 162 4.85 1.26 12.63
C ASN A 162 4.60 0.76 14.06
N GLU A 163 5.55 1.02 14.95
CA GLU A 163 5.44 0.66 16.37
C GLU A 163 4.17 1.17 17.05
N SER A 164 3.78 2.41 16.71
CA SER A 164 2.63 3.06 17.31
C SER A 164 1.30 2.63 16.65
N MET A 165 1.35 1.52 15.92
CA MET A 165 0.20 0.94 15.20
C MET A 165 -0.41 1.84 14.12
N GLU A 166 0.39 2.76 13.60
CA GLU A 166 -0.03 3.69 12.56
C GLU A 166 0.27 3.14 11.17
N LEU A 167 -0.59 3.50 10.22
CA LEU A 167 -0.53 2.96 8.88
C LEU A 167 0.08 3.95 7.91
N LYS A 168 1.00 3.47 7.08
CA LYS A 168 1.55 4.25 5.97
C LYS A 168 1.39 3.46 4.67
N VAL A 169 0.90 4.13 3.63
CA VAL A 169 0.80 3.55 2.30
C VAL A 169 2.19 3.64 1.64
N GLY A 170 2.66 2.53 1.07
CA GLY A 170 4.00 2.47 0.49
C GLY A 170 4.13 1.82 -0.88
N ASP A 171 5.34 1.70 -1.35
CA ASP A 171 5.61 1.13 -2.65
C ASP A 171 5.02 1.83 -3.85
N PHE A 172 5.70 2.88 -4.22
CA PHE A 172 5.37 3.69 -5.32
C PHE A 172 6.04 3.22 -6.62
N GLY A 173 6.47 1.98 -6.62
CA GLY A 173 6.98 1.30 -7.79
C GLY A 173 6.13 1.30 -9.02
N LEU A 174 4.83 1.34 -8.86
CA LEU A 174 3.95 1.33 -9.99
C LEU A 174 3.26 2.63 -10.19
N ALA A 175 3.54 3.58 -9.33
CA ALA A 175 2.89 4.85 -9.30
C ALA A 175 3.16 5.64 -10.52
N ALA A 176 2.20 6.41 -10.92
CA ALA A 176 2.31 7.42 -11.98
C ALA A 176 1.34 8.57 -11.74
N ARG A 177 1.60 9.71 -12.39
CA ARG A 177 0.73 10.88 -12.32
C ARG A 177 -0.45 10.76 -13.28
N LEU A 178 -1.48 11.58 -13.08
CA LEU A 178 -2.73 11.48 -13.85
C LEU A 178 -2.58 11.95 -15.30
N GLU A 179 -3.42 11.40 -16.17
CA GLU A 179 -3.42 11.74 -17.59
C GLU A 179 -4.81 12.23 -18.02
N THR A 191 2.66 -5.66 -12.52
CA THR A 191 1.32 -6.23 -12.57
C THR A 191 0.63 -6.18 -11.20
N PRO A 192 -0.48 -5.41 -11.09
CA PRO A 192 -1.08 -5.10 -9.80
C PRO A 192 -1.89 -6.24 -9.22
N ASN A 193 -2.30 -6.08 -7.96
CA ASN A 193 -3.07 -7.09 -7.25
C ASN A 193 -4.54 -7.09 -7.69
N TYR A 194 -5.12 -5.90 -7.83
CA TYR A 194 -6.55 -5.78 -8.13
C TYR A 194 -6.84 -5.05 -9.43
N LEU A 195 -6.90 -5.81 -10.52
CA LEU A 195 -7.24 -5.27 -11.84
C LEU A 195 -8.68 -4.73 -11.88
N SER A 196 -8.83 -3.51 -12.36
CA SER A 196 -10.15 -2.89 -12.50
C SER A 196 -10.74 -3.21 -13.88
N PRO A 197 -12.09 -3.17 -14.02
CA PRO A 197 -12.74 -3.40 -15.31
C PRO A 197 -12.30 -2.39 -16.38
N GLU A 198 -12.12 -1.13 -16.00
CA GLU A 198 -11.72 -0.09 -16.94
C GLU A 198 -10.28 -0.24 -17.45
N VAL A 199 -9.41 -0.80 -16.61
CA VAL A 199 -8.04 -1.15 -17.05
C VAL A 199 -8.10 -2.36 -17.98
N LEU A 200 -9.02 -3.28 -17.70
CA LEU A 200 -9.20 -4.48 -18.52
C LEU A 200 -9.96 -4.20 -19.83
N ASN A 201 -10.59 -3.03 -19.92
CA ASN A 201 -11.21 -2.55 -21.15
C ASN A 201 -10.24 -1.67 -21.95
N LYS A 202 -8.96 -1.80 -21.63
CA LYS A 202 -7.85 -1.06 -22.27
C LYS A 202 -8.07 0.46 -22.30
N GLN A 203 -8.56 1.00 -21.19
CA GLN A 203 -8.76 2.44 -21.05
C GLN A 203 -7.80 3.09 -20.04
N GLY A 204 -6.83 2.31 -19.56
CA GLY A 204 -5.83 2.82 -18.62
C GLY A 204 -6.35 2.99 -17.21
N HIS A 205 -5.49 3.52 -16.34
CA HIS A 205 -5.73 3.60 -14.90
C HIS A 205 -6.01 5.04 -14.47
N GLY A 206 -7.18 5.26 -13.88
CA GLY A 206 -7.53 6.56 -13.32
C GLY A 206 -7.54 6.54 -11.80
N ALA A 207 -8.18 7.54 -11.19
CA ALA A 207 -8.31 7.62 -9.74
C ALA A 207 -9.32 6.60 -9.19
N GLU A 208 -10.33 6.30 -9.99
CA GLU A 208 -11.39 5.35 -9.63
C GLU A 208 -10.89 3.91 -9.63
N SER A 209 -9.84 3.65 -10.39
CA SER A 209 -9.18 2.34 -10.42
C SER A 209 -8.47 2.04 -9.09
N ASP A 210 -8.04 3.09 -8.38
CA ASP A 210 -7.51 2.97 -7.03
C ASP A 210 -8.64 2.64 -6.04
N ILE A 211 -9.81 3.26 -6.25
CA ILE A 211 -11.00 3.01 -5.43
C ILE A 211 -11.52 1.58 -5.61
N TRP A 212 -11.35 1.02 -6.80
CA TRP A 212 -11.61 -0.39 -7.07
C TRP A 212 -10.79 -1.25 -6.12
N ALA A 213 -9.47 -1.01 -6.11
CA ALA A 213 -8.54 -1.74 -5.25
C ALA A 213 -8.95 -1.62 -3.79
N LEU A 214 -9.41 -0.44 -3.41
CA LEU A 214 -9.87 -0.13 -2.05
C LEU A 214 -11.02 -1.03 -1.57
N GLY A 215 -11.97 -1.30 -2.47
CA GLY A 215 -13.08 -2.21 -2.18
C GLY A 215 -12.63 -3.65 -2.03
N CYS A 216 -11.71 -4.08 -2.90
CA CYS A 216 -11.09 -5.40 -2.80
C CYS A 216 -10.37 -5.55 -1.45
N VAL A 217 -9.62 -4.52 -1.07
CA VAL A 217 -8.91 -4.45 0.21
C VAL A 217 -9.85 -4.66 1.40
N MET A 218 -10.95 -3.91 1.41
CA MET A 218 -11.95 -3.96 2.47
C MET A 218 -12.65 -5.33 2.56
N TYR A 219 -12.99 -5.88 1.39
CA TYR A 219 -13.56 -7.22 1.25
C TYR A 219 -12.64 -8.27 1.89
N THR A 220 -11.36 -8.20 1.55
CA THR A 220 -10.35 -9.13 2.05
C THR A 220 -10.14 -9.01 3.56
N MET A 221 -10.12 -7.77 4.08
CA MET A 221 -10.00 -7.50 5.52
C MET A 221 -11.09 -8.18 6.34
N LEU A 222 -12.31 -8.21 5.79
CA LEU A 222 -13.49 -8.68 6.50
C LEU A 222 -13.84 -10.15 6.27
N LEU A 223 -13.51 -10.63 5.08
CA LEU A 223 -13.70 -11.97 4.71
C LEU A 223 -12.44 -12.81 4.53
N GLY A 224 -11.32 -12.19 4.19
CA GLY A 224 -10.05 -12.88 4.05
C GLY A 224 -9.77 -13.67 2.79
N ARG A 225 -10.38 -13.25 1.69
CA ARG A 225 -10.26 -13.84 0.38
C ARG A 225 -10.67 -12.63 -0.55
N PRO A 226 -9.99 -12.33 -1.68
CA PRO A 226 -10.44 -11.19 -2.50
C PRO A 226 -11.79 -11.47 -3.17
N PRO A 227 -12.53 -10.42 -3.59
CA PRO A 227 -13.81 -10.61 -4.28
C PRO A 227 -13.66 -11.27 -5.65
N PHE A 228 -12.52 -11.03 -6.29
CA PHE A 228 -12.20 -11.61 -7.60
C PHE A 228 -10.85 -12.31 -7.55
N GLU A 229 -10.59 -13.19 -8.52
CA GLU A 229 -9.30 -13.88 -8.62
C GLU A 229 -8.17 -12.89 -8.89
N THR A 230 -7.03 -13.12 -8.24
CA THR A 230 -5.91 -12.20 -8.29
C THR A 230 -4.72 -12.77 -9.09
N THR A 231 -5.02 -13.78 -9.92
CA THR A 231 -4.02 -14.42 -10.77
C THR A 231 -3.56 -13.52 -11.92
N ASN A 232 -4.39 -12.56 -12.29
CA ASN A 232 -4.17 -11.65 -13.42
C ASN A 232 -4.15 -12.36 -14.78
N LEU A 233 -4.64 -13.60 -14.80
CA LEU A 233 -4.77 -14.41 -16.02
C LEU A 233 -5.97 -13.99 -16.85
N LYS A 234 -5.91 -14.28 -18.15
CA LYS A 234 -6.97 -13.90 -19.11
C LYS A 234 -8.33 -14.54 -18.81
N GLU A 235 -8.33 -15.62 -18.03
CA GLU A 235 -9.56 -16.36 -17.71
C GLU A 235 -10.44 -15.66 -16.67
N THR A 236 -9.83 -14.83 -15.83
CA THR A 236 -10.56 -14.11 -14.79
C THR A 236 -10.94 -12.70 -15.26
N TYR A 237 -10.55 -12.37 -16.49
CA TYR A 237 -10.80 -11.07 -17.09
C TYR A 237 -12.30 -10.83 -17.29
N ARG A 238 -12.98 -11.78 -17.93
CA ARG A 238 -14.42 -11.74 -18.11
C ARG A 238 -15.15 -11.58 -16.76
N SER A 239 -14.65 -12.28 -15.74
CA SER A 239 -15.16 -12.16 -14.37
C SER A 239 -15.08 -10.72 -13.86
N ILE A 240 -14.05 -10.00 -14.28
CA ILE A 240 -13.83 -8.61 -13.90
C ILE A 240 -14.10 -7.69 -15.10
N ARG A 241 -15.37 -7.55 -15.50
CA ARG A 241 -15.71 -6.67 -16.62
C ARG A 241 -16.73 -5.68 -16.01
N GLU A 242 -18.06 -5.91 -15.97
CA GLU A 242 -18.74 -7.15 -15.47
C GLU A 242 -18.93 -7.43 -13.99
N ALA A 243 -17.88 -7.24 -13.16
CA ALA A 243 -17.95 -7.14 -11.70
C ALA A 243 -18.91 -8.12 -11.02
N ARG A 244 -18.87 -9.39 -11.43
CA ARG A 244 -19.70 -10.42 -10.82
C ARG A 244 -18.93 -11.11 -9.68
N TYR A 245 -19.48 -11.01 -8.47
CA TYR A 245 -18.87 -11.61 -7.28
C TYR A 245 -19.92 -11.90 -6.22
N THR A 246 -19.62 -12.85 -5.34
CA THR A 246 -20.53 -13.25 -4.28
C THR A 246 -20.35 -12.41 -3.01
N MET A 247 -21.45 -11.85 -2.51
CA MET A 247 -21.46 -11.10 -1.27
C MET A 247 -21.93 -11.98 -0.11
N PRO A 248 -20.99 -12.44 0.74
CA PRO A 248 -21.30 -13.37 1.82
C PRO A 248 -22.29 -12.79 2.82
N SER A 249 -23.17 -13.64 3.35
CA SER A 249 -24.17 -13.25 4.33
C SER A 249 -23.54 -12.71 5.62
N SER A 250 -22.36 -13.22 5.95
CA SER A 250 -21.62 -12.85 7.17
C SER A 250 -21.39 -11.35 7.31
N LEU A 251 -21.33 -10.66 6.18
CA LEU A 251 -21.11 -9.22 6.14
C LEU A 251 -22.35 -8.47 6.62
N LEU A 252 -22.13 -7.48 7.47
CA LEU A 252 -23.23 -6.62 7.93
C LEU A 252 -23.61 -5.65 6.81
N ALA A 253 -24.86 -5.20 6.84
CA ALA A 253 -25.42 -4.35 5.78
C ALA A 253 -24.56 -3.13 5.40
N PRO A 254 -24.16 -2.27 6.37
CA PRO A 254 -23.33 -1.11 6.02
C PRO A 254 -22.01 -1.47 5.32
N ALA A 255 -21.35 -2.53 5.78
CA ALA A 255 -20.14 -3.04 5.14
C ALA A 255 -20.44 -3.52 3.72
N LYS A 256 -21.57 -4.21 3.57
CA LYS A 256 -22.04 -4.69 2.28
C LYS A 256 -22.32 -3.56 1.28
N HIS A 257 -23.04 -2.54 1.73
CA HIS A 257 -23.43 -1.42 0.87
C HIS A 257 -22.24 -0.58 0.42
N LEU A 258 -21.22 -0.48 1.27
CA LEU A 258 -20.01 0.30 0.95
C LEU A 258 -19.13 -0.43 -0.08
N ILE A 259 -18.88 -1.72 0.16
CA ILE A 259 -18.10 -2.56 -0.75
C ILE A 259 -18.71 -2.56 -2.15
N ALA A 260 -20.04 -2.71 -2.22
CA ALA A 260 -20.77 -2.72 -3.49
C ALA A 260 -20.60 -1.42 -4.28
N SER A 261 -20.50 -0.31 -3.57
CA SER A 261 -20.28 1.00 -4.20
C SER A 261 -18.89 1.11 -4.81
N MET A 262 -17.86 0.76 -4.02
CA MET A 262 -16.48 0.86 -4.46
C MET A 262 -16.15 -0.11 -5.60
N LEU A 263 -16.90 -1.22 -5.66
CA LEU A 263 -16.69 -2.23 -6.70
C LEU A 263 -17.72 -2.18 -7.83
N SER A 264 -18.31 -1.01 -8.06
CA SER A 264 -19.23 -0.79 -9.17
C SER A 264 -18.52 -1.04 -10.51
N LYS A 265 -19.27 -1.57 -11.48
CA LYS A 265 -18.72 -1.90 -12.79
C LYS A 265 -18.07 -0.70 -13.48
N ASN A 266 -18.85 0.34 -13.71
CA ASN A 266 -18.35 1.56 -14.34
C ASN A 266 -17.77 2.54 -13.32
N PRO A 267 -16.55 3.06 -13.58
CA PRO A 267 -15.78 3.92 -12.66
C PRO A 267 -16.52 5.15 -12.13
N GLU A 268 -17.39 5.74 -12.95
CA GLU A 268 -18.14 6.94 -12.56
C GLU A 268 -19.17 6.71 -11.45
N ASP A 269 -19.63 5.47 -11.32
CA ASP A 269 -20.63 5.10 -10.31
C ASP A 269 -20.02 4.99 -8.90
N ARG A 270 -18.71 4.81 -8.84
CA ARG A 270 -17.99 4.66 -7.56
C ARG A 270 -17.97 5.94 -6.72
N PRO A 271 -18.03 5.79 -5.39
CA PRO A 271 -18.04 6.95 -4.50
C PRO A 271 -16.72 7.70 -4.46
N SER A 272 -16.79 8.97 -4.08
CA SER A 272 -15.60 9.79 -3.86
C SER A 272 -14.90 9.34 -2.58
N LEU A 273 -13.62 9.69 -2.41
CA LEU A 273 -12.89 9.39 -1.18
C LEU A 273 -13.52 10.05 0.04
N ASP A 274 -14.03 11.26 -0.15
CA ASP A 274 -14.83 11.96 0.86
C ASP A 274 -16.13 11.22 1.21
N ASP A 275 -16.77 10.66 0.18
CA ASP A 275 -18.00 9.88 0.32
C ASP A 275 -17.75 8.58 1.11
N ILE A 276 -16.59 7.97 0.89
CA ILE A 276 -16.24 6.68 1.49
C ILE A 276 -16.15 6.75 3.02
N ILE A 277 -15.41 7.73 3.54
CA ILE A 277 -15.22 7.87 4.99
C ILE A 277 -16.42 8.46 5.74
N ARG A 278 -17.41 8.94 5.00
CA ARG A 278 -18.64 9.47 5.59
C ARG A 278 -19.80 8.46 5.52
N HIS A 279 -19.53 7.30 4.93
CA HIS A 279 -20.49 6.20 4.81
C HIS A 279 -20.92 5.71 6.20
N ASP A 280 -22.12 5.14 6.29
CA ASP A 280 -22.66 4.57 7.53
C ASP A 280 -21.70 3.59 8.22
N PHE A 281 -20.90 2.89 7.43
CA PHE A 281 -19.90 1.94 7.94
C PHE A 281 -18.91 2.59 8.91
N PHE A 282 -18.59 3.86 8.68
CA PHE A 282 -17.64 4.60 9.51
C PHE A 282 -18.30 5.37 10.65
N THR A 283 -19.48 5.94 10.40
CA THR A 283 -20.18 6.78 11.38
C THR A 283 -20.84 5.99 12.50
N GLN A 284 -21.25 4.76 12.20
CA GLN A 284 -21.77 3.84 13.21
C GLN A 284 -20.69 2.85 13.65
N GLY A 285 -20.47 2.75 14.95
CA GLY A 285 -19.49 1.84 15.51
C GLY A 285 -18.39 2.53 16.29
N PHE A 286 -17.79 1.78 17.21
CA PHE A 286 -16.77 2.30 18.14
C PHE A 286 -15.57 3.01 17.50
N THR A 287 -14.67 2.22 16.90
CA THR A 287 -13.43 2.70 16.24
C THR A 287 -12.39 3.32 17.19
N PRO A 288 -11.19 2.79 17.23
CA PRO A 288 -10.01 3.46 17.83
C PRO A 288 -9.59 4.66 16.92
N ASP A 289 -8.54 5.47 17.08
CA ASP A 289 -7.29 4.99 17.68
C ASP A 289 -7.26 5.04 19.20
N ARG A 290 -6.41 4.19 19.75
CA ARG A 290 -5.35 3.51 19.00
C ARG A 290 -5.49 2.03 19.23
N LEU A 291 -5.13 1.24 18.28
CA LEU A 291 -5.11 -0.22 18.37
C LEU A 291 -3.87 -0.73 19.09
N SER A 292 -4.06 -1.73 19.91
CA SER A 292 -3.00 -2.51 20.50
C SER A 292 -2.45 -3.53 19.52
N SER A 293 -1.23 -3.99 19.76
CA SER A 293 -0.44 -4.60 18.72
C SER A 293 -0.71 -6.01 18.92
N SER A 294 -1.41 -6.28 19.96
CA SER A 294 -1.90 -7.58 20.17
C SER A 294 -2.90 -7.96 19.07
N CYS A 295 -3.45 -6.96 18.45
CA CYS A 295 -4.35 -7.12 17.31
C CYS A 295 -3.65 -7.70 16.07
N CYS A 296 -2.31 -7.66 16.08
CA CYS A 296 -1.51 -8.30 15.04
C CYS A 296 -1.67 -9.83 15.07
N HIS A 297 -1.80 -10.40 16.27
CA HIS A 297 -1.93 -11.85 16.42
C HIS A 297 -3.25 -12.30 17.08
N THR A 298 -3.77 -11.51 18.02
CA THR A 298 -4.98 -11.88 18.77
C THR A 298 -6.18 -10.98 18.46
N VAL A 299 -7.38 -11.53 18.66
CA VAL A 299 -8.62 -10.83 18.36
C VAL A 299 -9.07 -9.96 19.56
N PRO A 300 -9.30 -8.65 19.31
CA PRO A 300 -9.61 -7.67 20.36
C PRO A 300 -10.97 -7.82 21.03
N ASP A 301 -11.04 -7.36 22.28
CA ASP A 301 -12.26 -7.34 23.10
C ASP A 301 -13.40 -6.61 22.41
N PHE A 302 -14.61 -7.13 22.46
CA PHE A 302 -15.71 -6.36 23.01
C PHE A 302 -16.79 -7.29 23.37
#